data_7FQM
#
_entry.id   7FQM
#
_cell.length_a   89.560
_cell.length_b   89.560
_cell.length_c   106.270
_cell.angle_alpha   90.000
_cell.angle_beta   90.000
_cell.angle_gamma   120.000
#
_symmetry.space_group_name_H-M   'P 31 2 1'
#
loop_
_entity.id
_entity.type
_entity.pdbx_description
1 polymer 'Tyrosine-protein phosphatase non-receptor type 1'
2 non-polymer 2-AMINO-2-HYDROXYMETHYL-PROPANE-1,3-DIOL
3 non-polymer 4-({[(thiophen-2-yl)methyl]amino}methyl)phenol
4 water water
#
_entity_poly.entity_id   1
_entity_poly.type   'polypeptide(L)'
_entity_poly.pdbx_seq_one_letter_code
;MEMEKEFEQIDKSGSWAAIYQDIRHEASDFPSRVAKLPKNKNRNRYRDVSPFDHSRIKLHQEDNDYINASLIKMEEAQRS
YILTQGPLPNTVGHFWEMVWEQKSRGVVMLNRVMEKGSLKCAQYWPQKEEKEMIFEDTNLKLTLISEDIKSYYTVRQLEL
ENLTTQETREILHFHYTTWPDFGVPESPASFLNFLFKVRESGSLSPEHGPVVVHCSAGIGRSGTFCLADTCLLLMDKRKD
PSSVDIKKVLLEMRKFRMGLIQTADQLRFSYLAVIEGAKFIMGDSSVQDQWKELSHEDLEPPPEHIPPPPRPPKRILEPH
N
;
_entity_poly.pdbx_strand_id   A
#
loop_
_chem_comp.id
_chem_comp.type
_chem_comp.name
_chem_comp.formula
JKG non-polymer 4-({[(thiophen-2-yl)methyl]amino}methyl)phenol 'C12 H13 N O S'
TRS non-polymer 2-AMINO-2-HYDROXYMETHYL-PROPANE-1,3-DIOL 'C4 H12 N O3 1'
#
# COMPACT_ATOMS: atom_id res chain seq x y z
N GLU A 2 6.30 -17.65 -19.90
CA GLU A 2 5.78 -17.90 -18.52
C GLU A 2 6.83 -17.49 -17.48
N MET A 3 6.36 -16.72 -16.50
CA MET A 3 7.16 -16.11 -15.39
C MET A 3 7.84 -17.19 -14.53
N GLU A 4 7.25 -18.36 -14.36
CA GLU A 4 7.79 -19.48 -13.55
C GLU A 4 9.15 -19.92 -14.10
N LYS A 5 9.32 -19.89 -15.43
CA LYS A 5 10.56 -20.30 -16.12
C LYS A 5 11.52 -19.11 -16.06
N GLU A 6 10.99 -17.91 -16.29
CA GLU A 6 11.76 -16.67 -16.08
C GLU A 6 12.33 -16.67 -14.64
N PHE A 7 11.53 -17.08 -13.65
CA PHE A 7 11.92 -17.18 -12.21
C PHE A 7 13.14 -18.10 -12.07
N GLU A 8 13.08 -19.28 -12.67
CA GLU A 8 14.15 -20.31 -12.53
C GLU A 8 15.44 -19.80 -13.18
N GLN A 9 15.32 -19.20 -14.38
CA GLN A 9 16.45 -18.60 -15.13
C GLN A 9 17.15 -17.56 -14.26
N ILE A 10 16.39 -16.61 -13.71
CA ILE A 10 16.99 -15.49 -12.92
C ILE A 10 17.60 -16.12 -11.66
N ASP A 11 16.89 -17.06 -11.06
CA ASP A 11 17.33 -17.71 -9.80
C ASP A 11 18.62 -18.50 -10.06
N LYS A 12 18.59 -19.44 -11.00
CA LYS A 12 19.75 -20.29 -11.36
C LYS A 12 20.96 -19.43 -11.77
N SER A 13 20.74 -18.34 -12.48
CA SER A 13 21.85 -17.43 -12.88
C SER A 13 22.18 -16.41 -11.78
N GLY A 14 21.46 -16.41 -10.64
CA GLY A 14 21.47 -15.33 -9.62
C GLY A 14 21.48 -13.91 -10.21
N SER A 15 20.54 -13.58 -11.10
CA SER A 15 20.49 -12.29 -11.83
C SER A 15 19.52 -11.28 -11.19
N TRP A 16 19.06 -11.48 -9.95
CA TRP A 16 18.00 -10.61 -9.34
C TRP A 16 18.49 -9.16 -9.25
N ALA A 17 19.71 -8.93 -8.74
CA ALA A 17 20.27 -7.56 -8.63
C ALA A 17 20.30 -6.89 -10.01
N ALA A 18 20.56 -7.66 -11.06
CA ALA A 18 20.67 -7.16 -12.44
C ALA A 18 19.30 -6.74 -13.00
N ILE A 19 18.30 -7.63 -12.94
CA ILE A 19 16.89 -7.33 -13.31
C ILE A 19 16.47 -6.06 -12.55
N TYR A 20 16.78 -6.02 -11.25
CA TYR A 20 16.30 -4.92 -10.37
C TYR A 20 16.87 -3.59 -10.87
N GLN A 21 18.16 -3.54 -11.20
CA GLN A 21 18.81 -2.30 -11.71
C GLN A 21 18.21 -1.87 -13.05
N ASP A 22 17.83 -2.78 -13.92
CA ASP A 22 17.22 -2.41 -15.23
C ASP A 22 15.88 -1.71 -14.97
N ILE A 23 15.12 -2.20 -13.99
CA ILE A 23 13.85 -1.56 -13.55
C ILE A 23 14.14 -0.16 -13.00
N ARG A 24 15.13 -0.04 -12.13
CA ARG A 24 15.55 1.27 -11.58
C ARG A 24 15.83 2.25 -12.73
N HIS A 25 16.59 1.79 -13.73
N HIS A 25 16.56 1.81 -13.76
CA HIS A 25 17.06 2.59 -14.90
CA HIS A 25 17.04 2.71 -14.84
C HIS A 25 15.86 3.06 -15.72
C HIS A 25 15.90 3.04 -15.81
N GLU A 26 14.92 2.14 -15.98
CA GLU A 26 13.76 2.38 -16.89
C GLU A 26 12.62 3.15 -16.20
N ALA A 27 12.66 3.32 -14.88
CA ALA A 27 11.53 3.85 -14.06
C ALA A 27 11.32 5.31 -14.44
N SER A 28 10.09 5.76 -14.43
CA SER A 28 9.67 7.16 -14.71
C SER A 28 10.27 8.13 -13.69
N ASP A 29 10.42 9.37 -14.11
CA ASP A 29 10.84 10.47 -13.22
C ASP A 29 9.95 11.67 -13.51
N PHE A 30 9.11 12.04 -12.57
CA PHE A 30 8.20 13.18 -12.76
C PHE A 30 8.53 14.15 -11.66
N PRO A 31 8.17 15.41 -11.84
CA PRO A 31 8.34 16.40 -10.82
C PRO A 31 7.53 16.09 -9.54
N SER A 32 8.16 16.40 -8.39
N SER A 32 8.12 16.45 -8.40
CA SER A 32 7.60 16.38 -7.02
CA SER A 32 7.51 16.39 -7.04
C SER A 32 7.82 17.74 -6.36
C SER A 32 7.78 17.74 -6.35
N ARG A 33 7.33 18.81 -6.99
CA ARG A 33 7.61 20.20 -6.51
C ARG A 33 6.79 20.49 -5.27
N VAL A 34 5.54 20.03 -5.20
CA VAL A 34 4.76 20.34 -3.97
C VAL A 34 5.43 19.70 -2.74
N ALA A 35 5.87 18.45 -2.83
CA ALA A 35 6.49 17.69 -1.72
C ALA A 35 7.74 18.40 -1.19
N LYS A 36 8.44 19.11 -2.09
CA LYS A 36 9.77 19.73 -1.83
C LYS A 36 9.63 21.14 -1.25
N LEU A 37 8.42 21.70 -1.22
CA LEU A 37 8.19 23.04 -0.61
C LEU A 37 8.67 22.99 0.85
N PRO A 38 9.52 23.97 1.26
CA PRO A 38 10.08 24.01 2.61
C PRO A 38 9.07 23.72 3.73
N LYS A 39 7.86 24.26 3.60
CA LYS A 39 6.79 24.15 4.63
C LYS A 39 6.29 22.71 4.79
N ASN A 40 6.57 21.82 3.83
CA ASN A 40 6.09 20.41 3.81
C ASN A 40 7.17 19.46 4.35
N LYS A 41 8.34 19.99 4.70
CA LYS A 41 9.45 19.17 5.27
C LYS A 41 8.93 18.27 6.39
N ASN A 42 8.15 18.83 7.31
CA ASN A 42 7.67 18.09 8.51
C ASN A 42 6.47 17.20 8.15
N ARG A 43 5.98 17.25 6.90
CA ARG A 43 4.88 16.34 6.45
C ARG A 43 5.48 15.12 5.77
N ASN A 44 6.80 15.06 5.67
CA ASN A 44 7.49 13.98 4.93
C ASN A 44 8.37 13.22 5.89
N ARG A 45 8.16 11.91 5.97
CA ARG A 45 8.98 11.02 6.80
C ARG A 45 10.42 11.13 6.32
N TYR A 46 10.62 10.90 5.02
CA TYR A 46 11.95 10.73 4.36
C TYR A 46 12.11 11.80 3.28
N ARG A 47 13.32 12.37 3.16
CA ARG A 47 13.55 13.48 2.22
C ARG A 47 13.69 12.95 0.78
N ASP A 48 13.97 11.66 0.56
CA ASP A 48 14.08 11.08 -0.81
C ASP A 48 12.90 10.16 -1.12
N VAL A 49 11.76 10.33 -0.45
CA VAL A 49 10.49 9.64 -0.83
C VAL A 49 9.35 10.63 -0.94
N SER A 50 8.98 10.92 -2.18
CA SER A 50 8.04 12.01 -2.47
C SER A 50 7.00 11.54 -3.47
N PRO A 51 5.74 11.98 -3.30
CA PRO A 51 4.74 11.75 -4.33
C PRO A 51 5.02 12.69 -5.53
N PHE A 52 4.81 12.17 -6.73
CA PHE A 52 4.79 13.00 -7.98
C PHE A 52 3.63 13.97 -7.86
N ASP A 53 3.78 15.17 -8.39
CA ASP A 53 2.67 16.15 -8.41
C ASP A 53 1.45 15.60 -9.16
N HIS A 54 1.64 14.85 -10.24
CA HIS A 54 0.53 14.51 -11.14
C HIS A 54 -0.41 13.50 -10.44
N SER A 55 0.09 12.69 -9.52
CA SER A 55 -0.70 11.59 -8.94
C SER A 55 -0.91 11.80 -7.43
N ARG A 56 -0.57 12.95 -6.89
CA ARG A 56 -0.55 13.14 -5.42
C ARG A 56 -1.99 13.31 -4.96
N ILE A 57 -2.32 12.78 -3.79
CA ILE A 57 -3.65 12.99 -3.16
C ILE A 57 -3.63 14.39 -2.55
N LYS A 58 -4.66 15.15 -2.82
CA LYS A 58 -4.83 16.47 -2.21
C LYS A 58 -5.86 16.38 -1.09
N LEU A 59 -5.51 16.96 0.04
CA LEU A 59 -6.49 17.15 1.14
C LEU A 59 -7.41 18.32 0.75
N HIS A 60 -8.71 18.23 1.05
CA HIS A 60 -9.69 19.33 0.84
C HIS A 60 -9.65 20.32 2.02
N GLN A 61 -8.49 20.82 2.43
CA GLN A 61 -8.35 21.87 3.48
C GLN A 61 -7.60 23.02 2.80
N GLU A 62 -8.06 24.26 2.95
CA GLU A 62 -7.64 25.45 2.14
C GLU A 62 -6.20 25.85 2.48
N ASP A 63 -5.81 25.65 3.73
CA ASP A 63 -4.50 26.09 4.28
C ASP A 63 -3.36 25.39 3.53
N ASN A 64 -3.33 24.05 3.54
CA ASN A 64 -2.20 23.26 3.01
C ASN A 64 -2.77 21.91 2.61
N ASP A 65 -2.80 21.60 1.31
CA ASP A 65 -3.52 20.41 0.80
C ASP A 65 -2.60 19.18 0.79
N TYR A 66 -1.40 19.30 1.34
CA TYR A 66 -0.33 18.31 1.07
C TYR A 66 -0.37 17.13 2.07
N ILE A 67 -0.31 15.92 1.49
CA ILE A 67 -0.01 14.68 2.24
C ILE A 67 0.89 13.84 1.38
N ASN A 68 1.77 13.08 2.00
CA ASN A 68 2.63 12.16 1.26
C ASN A 68 1.82 10.90 0.95
N ALA A 69 1.11 10.94 -0.17
CA ALA A 69 0.22 9.88 -0.64
C ALA A 69 0.09 10.02 -2.16
N SER A 70 -0.03 8.87 -2.81
CA SER A 70 -0.17 8.78 -4.28
C SER A 70 -1.38 7.91 -4.61
N LEU A 71 -2.08 8.29 -5.69
CA LEU A 71 -3.09 7.42 -6.33
C LEU A 71 -2.45 6.60 -7.42
N ILE A 72 -2.50 5.27 -7.30
N ILE A 72 -2.41 5.28 -7.23
CA ILE A 72 -2.03 4.31 -8.33
CA ILE A 72 -2.06 4.29 -8.28
C ILE A 72 -3.25 3.71 -9.04
C ILE A 72 -3.38 3.92 -8.98
N LYS A 73 -3.46 4.11 -10.30
CA LYS A 73 -4.67 3.75 -11.10
C LYS A 73 -4.27 2.69 -12.11
N MET A 74 -4.72 1.44 -11.95
CA MET A 74 -4.37 0.34 -12.89
C MET A 74 -5.62 0.13 -13.77
N GLU A 75 -5.60 0.81 -14.91
CA GLU A 75 -6.72 0.93 -15.90
C GLU A 75 -7.19 -0.45 -16.37
N GLU A 76 -6.30 -1.29 -16.87
CA GLU A 76 -6.76 -2.62 -17.34
C GLU A 76 -7.34 -3.42 -16.18
N ALA A 77 -6.76 -3.37 -14.98
CA ALA A 77 -7.23 -4.26 -13.89
C ALA A 77 -8.46 -3.67 -13.22
N GLN A 78 -8.75 -2.39 -13.47
N GLN A 78 -8.77 -2.40 -13.51
CA GLN A 78 -9.87 -1.64 -12.84
CA GLN A 78 -9.85 -1.62 -12.83
C GLN A 78 -9.65 -1.63 -11.32
C GLN A 78 -9.64 -1.68 -11.32
N ARG A 79 -8.39 -1.47 -10.89
CA ARG A 79 -8.04 -1.37 -9.45
C ARG A 79 -7.36 -0.03 -9.25
N SER A 80 -7.69 0.65 -8.16
N SER A 80 -7.65 0.63 -8.13
CA SER A 80 -6.96 1.82 -7.66
CA SER A 80 -6.96 1.86 -7.68
C SER A 80 -6.43 1.52 -6.26
C SER A 80 -6.57 1.75 -6.19
N TYR A 81 -5.35 2.20 -5.87
CA TYR A 81 -4.76 2.10 -4.52
C TYR A 81 -4.23 3.46 -4.16
N ILE A 82 -4.38 3.87 -2.90
CA ILE A 82 -3.61 4.99 -2.37
C ILE A 82 -2.44 4.40 -1.63
N LEU A 83 -1.23 4.78 -2.02
CA LEU A 83 -0.02 4.39 -1.25
C LEU A 83 0.45 5.61 -0.48
N THR A 84 0.76 5.44 0.80
CA THR A 84 1.14 6.55 1.67
C THR A 84 2.22 6.05 2.64
N GLN A 85 2.87 7.01 3.25
CA GLN A 85 3.86 6.73 4.32
C GLN A 85 3.09 6.38 5.61
N GLY A 86 3.79 5.78 6.55
CA GLY A 86 3.26 5.63 7.91
C GLY A 86 3.08 7.03 8.47
N PRO A 87 1.91 7.38 9.01
CA PRO A 87 1.72 8.72 9.53
C PRO A 87 2.74 9.08 10.62
N LEU A 88 3.04 10.35 10.60
CA LEU A 88 3.83 11.05 11.62
C LEU A 88 2.90 11.51 12.75
N PRO A 89 3.47 11.79 13.94
CA PRO A 89 2.72 12.32 15.07
C PRO A 89 1.91 13.53 14.62
N ASN A 90 2.47 14.37 13.78
CA ASN A 90 1.74 15.60 13.35
C ASN A 90 0.88 15.36 12.10
N THR A 91 0.85 14.17 11.50
CA THR A 91 0.01 13.97 10.27
C THR A 91 -1.10 12.92 10.50
N VAL A 92 -1.27 12.44 11.73
CA VAL A 92 -2.34 11.44 11.99
C VAL A 92 -3.68 12.02 11.59
N GLY A 93 -3.92 13.29 11.88
CA GLY A 93 -5.23 13.87 11.54
C GLY A 93 -5.41 13.99 10.04
N HIS A 94 -4.35 14.32 9.29
CA HIS A 94 -4.36 14.41 7.81
C HIS A 94 -4.65 13.04 7.20
N PHE A 95 -4.07 12.00 7.79
CA PHE A 95 -4.25 10.60 7.35
C PHE A 95 -5.73 10.28 7.36
N TRP A 96 -6.41 10.52 8.50
CA TRP A 96 -7.82 10.15 8.64
C TRP A 96 -8.71 11.05 7.76
N GLU A 97 -8.32 12.30 7.61
CA GLU A 97 -9.04 13.22 6.70
C GLU A 97 -8.99 12.64 5.28
N MET A 98 -7.83 12.15 4.87
CA MET A 98 -7.68 11.55 3.53
C MET A 98 -8.60 10.33 3.43
N VAL A 99 -8.58 9.45 4.45
CA VAL A 99 -9.46 8.24 4.39
C VAL A 99 -10.93 8.67 4.18
N TRP A 100 -11.32 9.71 4.90
CA TRP A 100 -12.69 10.24 4.87
C TRP A 100 -12.98 10.78 3.47
N GLU A 101 -12.17 11.73 3.02
CA GLU A 101 -12.40 12.45 1.74
C GLU A 101 -12.37 11.50 0.55
N GLN A 102 -11.57 10.45 0.57
CA GLN A 102 -11.48 9.51 -0.57
C GLN A 102 -12.45 8.33 -0.50
N LYS A 103 -13.24 8.20 0.58
CA LYS A 103 -14.31 7.17 0.73
C LYS A 103 -13.71 5.79 0.76
N SER A 104 -12.49 5.67 1.25
CA SER A 104 -11.84 4.38 1.48
C SER A 104 -12.62 3.56 2.50
N ARG A 105 -12.70 2.26 2.27
N ARG A 105 -12.64 2.24 2.32
CA ARG A 105 -13.29 1.26 3.19
CA ARG A 105 -13.32 1.25 3.20
C ARG A 105 -12.19 0.70 4.09
C ARG A 105 -12.26 0.47 4.00
N GLY A 106 -11.04 0.39 3.50
CA GLY A 106 -9.96 -0.39 4.13
C GLY A 106 -8.66 0.37 4.20
N VAL A 107 -7.92 0.09 5.27
CA VAL A 107 -6.52 0.53 5.50
C VAL A 107 -5.70 -0.72 5.67
N VAL A 108 -4.68 -0.88 4.85
CA VAL A 108 -3.73 -2.01 4.87
C VAL A 108 -2.37 -1.53 5.42
N MET A 109 -1.95 -2.08 6.56
CA MET A 109 -0.72 -1.69 7.26
C MET A 109 0.23 -2.88 7.23
N LEU A 110 1.44 -2.71 6.71
CA LEU A 110 2.34 -3.85 6.48
C LEU A 110 3.57 -3.77 7.40
N ASN A 111 3.55 -2.92 8.39
CA ASN A 111 4.71 -2.76 9.31
C ASN A 111 4.21 -2.82 10.77
N ARG A 112 5.14 -2.98 11.72
CA ARG A 112 4.90 -2.80 13.16
C ARG A 112 5.22 -1.37 13.46
N VAL A 113 4.62 -0.83 14.51
CA VAL A 113 4.91 0.55 14.95
C VAL A 113 6.39 0.69 15.32
N MET A 114 6.97 -0.34 15.92
CA MET A 114 8.41 -0.31 16.24
C MET A 114 9.06 -1.47 15.50
N GLU A 115 10.11 -1.18 14.75
CA GLU A 115 10.92 -2.25 14.15
C GLU A 115 12.39 -1.83 14.30
N LYS A 116 13.26 -2.81 14.48
CA LYS A 116 14.72 -2.50 14.64
C LYS A 116 14.93 -1.44 15.72
N GLY A 117 14.12 -1.45 16.80
CA GLY A 117 14.27 -0.51 17.92
C GLY A 117 13.97 0.94 17.64
N SER A 118 13.33 1.27 16.51
CA SER A 118 12.93 2.66 16.16
C SER A 118 11.43 2.70 15.76
N LEU A 119 10.84 3.86 15.79
CA LEU A 119 9.41 4.00 15.48
C LEU A 119 9.28 4.22 13.98
N LYS A 120 8.52 3.37 13.33
CA LYS A 120 8.32 3.38 11.86
C LYS A 120 7.03 4.14 11.53
N CYS A 121 6.19 4.43 12.52
CA CYS A 121 4.83 4.93 12.34
C CYS A 121 4.28 5.40 13.69
N ALA A 122 3.49 6.45 13.73
CA ALA A 122 2.69 6.84 14.90
C ALA A 122 1.57 5.82 15.11
N GLN A 123 1.22 5.63 16.36
CA GLN A 123 0.10 4.77 16.79
C GLN A 123 -1.12 5.59 16.37
N TYR A 124 -1.76 5.34 15.23
CA TYR A 124 -2.79 6.26 14.69
C TYR A 124 -4.21 5.71 14.87
N TRP A 125 -4.36 4.58 15.58
CA TRP A 125 -5.71 4.02 15.88
C TRP A 125 -5.79 3.68 17.38
N PRO A 126 -6.99 3.62 17.94
CA PRO A 126 -7.16 3.40 19.38
C PRO A 126 -6.86 1.95 19.77
N GLN A 127 -6.33 1.78 20.96
CA GLN A 127 -5.92 0.44 21.46
C GLN A 127 -7.06 -0.20 22.27
N LYS A 128 -8.01 0.58 22.75
CA LYS A 128 -9.13 0.03 23.55
C LYS A 128 -10.45 0.66 23.12
N GLU A 129 -11.52 -0.13 23.19
CA GLU A 129 -12.90 0.32 22.81
C GLU A 129 -13.22 1.62 23.52
N GLU A 130 -12.93 1.72 24.83
CA GLU A 130 -13.49 2.80 25.69
C GLU A 130 -12.62 4.04 25.59
N LYS A 131 -11.51 4.00 24.82
CA LYS A 131 -10.58 5.16 24.75
C LYS A 131 -10.47 5.60 23.28
N GLU A 132 -11.45 6.34 22.82
CA GLU A 132 -11.52 6.83 21.44
C GLU A 132 -10.48 7.93 21.22
N MET A 133 -10.19 8.26 19.97
CA MET A 133 -9.23 9.32 19.59
C MET A 133 -10.01 10.41 18.89
N ILE A 134 -9.67 11.62 19.23
CA ILE A 134 -10.23 12.83 18.57
C ILE A 134 -9.05 13.54 17.88
N PHE A 135 -9.20 13.91 16.63
CA PHE A 135 -8.19 14.67 15.87
C PHE A 135 -8.77 16.07 15.74
N GLU A 136 -8.34 16.98 16.59
CA GLU A 136 -8.95 18.35 16.68
C GLU A 136 -8.69 19.13 15.39
N ASP A 137 -7.49 18.99 14.82
CA ASP A 137 -7.12 19.71 13.57
C ASP A 137 -8.10 19.33 12.46
N THR A 138 -8.58 18.08 12.35
CA THR A 138 -9.41 17.70 11.17
C THR A 138 -10.85 17.36 11.58
N ASN A 139 -11.19 17.45 12.87
CA ASN A 139 -12.59 17.32 13.32
C ASN A 139 -13.15 15.93 13.07
N LEU A 140 -12.37 14.92 13.41
CA LEU A 140 -12.76 13.51 13.24
C LEU A 140 -12.60 12.80 14.59
N LYS A 141 -13.46 11.83 14.81
CA LYS A 141 -13.36 10.92 15.97
C LYS A 141 -13.25 9.51 15.44
N LEU A 142 -12.39 8.74 16.09
CA LEU A 142 -12.12 7.33 15.70
C LEU A 142 -12.28 6.43 16.93
N THR A 143 -13.12 5.42 16.80
CA THR A 143 -13.43 4.43 17.86
C THR A 143 -13.07 3.04 17.39
N LEU A 144 -12.37 2.31 18.26
CA LEU A 144 -12.20 0.88 18.04
C LEU A 144 -13.51 0.13 18.39
N ILE A 145 -14.02 -0.65 17.46
CA ILE A 145 -15.32 -1.35 17.57
C ILE A 145 -14.98 -2.78 17.94
N SER A 146 -14.04 -3.39 17.26
CA SER A 146 -13.64 -4.78 17.51
C SER A 146 -12.27 -5.03 16.91
N GLU A 147 -11.61 -6.04 17.42
CA GLU A 147 -10.23 -6.43 17.09
C GLU A 147 -10.17 -7.95 17.05
N ASP A 148 -9.75 -8.52 15.95
CA ASP A 148 -9.61 -9.98 15.75
C ASP A 148 -8.12 -10.25 15.50
N ILE A 149 -7.42 -10.79 16.50
CA ILE A 149 -5.95 -11.04 16.44
C ILE A 149 -5.73 -12.46 15.98
N LYS A 150 -5.00 -12.65 14.89
CA LYS A 150 -4.66 -13.99 14.36
C LYS A 150 -3.15 -14.09 14.41
N SER A 151 -2.61 -15.22 14.00
CA SER A 151 -1.18 -15.54 14.14
C SER A 151 -0.35 -14.55 13.31
N TYR A 152 -0.77 -14.25 12.07
CA TYR A 152 0.04 -13.54 11.06
C TYR A 152 -0.50 -12.11 10.85
N TYR A 153 -1.73 -11.83 11.26
CA TYR A 153 -2.38 -10.50 11.03
C TYR A 153 -3.47 -10.29 12.06
N THR A 154 -3.84 -9.04 12.19
CA THR A 154 -4.94 -8.54 13.00
C THR A 154 -5.90 -7.78 12.09
N VAL A 155 -7.19 -8.00 12.27
CA VAL A 155 -8.22 -7.16 11.60
C VAL A 155 -8.92 -6.37 12.65
N ARG A 156 -9.12 -5.10 12.41
CA ARG A 156 -9.84 -4.23 13.33
C ARG A 156 -10.98 -3.57 12.58
N GLN A 157 -12.17 -3.54 13.21
N GLN A 157 -12.06 -3.35 13.33
CA GLN A 157 -13.30 -2.67 12.79
CA GLN A 157 -13.29 -2.67 12.87
C GLN A 157 -13.18 -1.35 13.55
C GLN A 157 -13.32 -1.32 13.58
N LEU A 158 -13.26 -0.22 12.82
CA LEU A 158 -13.16 1.12 13.40
C LEU A 158 -14.37 1.90 12.94
N GLU A 159 -14.76 2.88 13.73
CA GLU A 159 -15.82 3.80 13.34
C GLU A 159 -15.16 5.16 13.23
N LEU A 160 -15.31 5.75 12.07
CA LEU A 160 -14.81 7.11 11.82
C LEU A 160 -16.03 8.02 11.79
N GLU A 161 -16.00 9.06 12.61
CA GLU A 161 -17.11 10.03 12.68
C GLU A 161 -16.61 11.40 12.27
N ASN A 162 -17.38 12.02 11.38
CA ASN A 162 -17.13 13.40 10.95
C ASN A 162 -17.83 14.30 11.96
N LEU A 163 -17.09 14.95 12.85
CA LEU A 163 -17.72 15.67 13.98
C LEU A 163 -18.50 16.86 13.41
N THR A 164 -18.18 17.27 12.18
CA THR A 164 -18.77 18.48 11.53
C THR A 164 -20.21 18.17 11.11
N THR A 165 -20.48 16.96 10.61
CA THR A 165 -21.75 16.54 9.98
C THR A 165 -22.36 15.37 10.76
N GLN A 166 -21.63 14.82 11.71
CA GLN A 166 -22.08 13.64 12.50
C GLN A 166 -22.37 12.45 11.59
N GLU A 167 -21.92 12.43 10.33
CA GLU A 167 -21.88 11.14 9.58
C GLU A 167 -20.85 10.18 10.18
N THR A 168 -21.08 8.89 10.02
CA THR A 168 -20.14 7.88 10.50
C THR A 168 -19.91 6.86 9.39
N ARG A 169 -18.72 6.28 9.37
CA ARG A 169 -18.42 5.17 8.47
C ARG A 169 -17.64 4.11 9.22
N GLU A 170 -17.81 2.91 8.74
CA GLU A 170 -17.06 1.78 9.22
C GLU A 170 -15.81 1.64 8.34
N ILE A 171 -14.64 1.57 8.94
CA ILE A 171 -13.33 1.35 8.25
C ILE A 171 -12.78 0.03 8.77
N LEU A 172 -12.27 -0.79 7.90
CA LEU A 172 -11.54 -2.01 8.25
C LEU A 172 -10.05 -1.76 8.21
N HIS A 173 -9.37 -2.09 9.29
CA HIS A 173 -7.89 -2.00 9.42
C HIS A 173 -7.30 -3.40 9.35
N PHE A 174 -6.52 -3.67 8.31
CA PHE A 174 -5.84 -4.93 8.06
C PHE A 174 -4.37 -4.75 8.36
N HIS A 175 -3.89 -5.43 9.39
CA HIS A 175 -2.56 -5.21 9.96
C HIS A 175 -1.79 -6.48 9.81
N TYR A 176 -0.85 -6.54 8.84
CA TYR A 176 0.03 -7.70 8.66
C TYR A 176 1.20 -7.51 9.65
N THR A 177 1.32 -8.40 10.62
CA THR A 177 2.15 -8.17 11.84
C THR A 177 3.42 -9.00 11.79
N THR A 178 3.64 -9.82 10.79
CA THR A 178 4.77 -10.80 10.87
C THR A 178 5.78 -10.57 9.75
N TRP A 179 5.76 -9.44 9.06
CA TRP A 179 6.84 -9.20 8.07
C TRP A 179 8.14 -9.13 8.87
N PRO A 180 9.20 -9.89 8.57
CA PRO A 180 10.39 -9.83 9.41
C PRO A 180 11.13 -8.48 9.33
N ASP A 181 11.81 -8.13 10.43
CA ASP A 181 12.64 -6.89 10.57
C ASP A 181 13.63 -6.79 9.41
N PHE A 182 14.24 -7.91 9.02
CA PHE A 182 15.21 -7.93 7.87
C PHE A 182 14.69 -8.89 6.79
N GLY A 183 14.88 -8.52 5.53
CA GLY A 183 14.57 -9.40 4.39
C GLY A 183 13.07 -9.53 4.16
N VAL A 184 12.64 -10.70 3.67
CA VAL A 184 11.24 -10.90 3.18
C VAL A 184 10.80 -12.21 3.82
N PRO A 185 9.50 -12.52 3.94
CA PRO A 185 9.09 -13.85 4.44
C PRO A 185 9.70 -14.97 3.57
N GLU A 186 10.01 -16.11 4.19
CA GLU A 186 10.57 -17.29 3.50
C GLU A 186 9.53 -17.85 2.53
N SER A 187 8.26 -17.91 2.97
CA SER A 187 7.11 -18.43 2.19
C SER A 187 6.10 -17.31 1.95
N PRO A 188 5.52 -17.19 0.74
CA PRO A 188 4.45 -16.22 0.50
C PRO A 188 3.08 -16.66 0.99
N ALA A 189 2.99 -17.82 1.62
CA ALA A 189 1.69 -18.39 2.03
C ALA A 189 0.93 -17.40 2.91
N SER A 190 1.48 -16.90 4.01
CA SER A 190 0.69 -16.08 4.95
C SER A 190 0.37 -14.72 4.29
N PHE A 191 1.26 -14.21 3.49
CA PHE A 191 1.02 -12.93 2.76
C PHE A 191 -0.17 -13.08 1.80
N LEU A 192 -0.21 -14.16 1.01
CA LEU A 192 -1.35 -14.46 0.09
C LEU A 192 -2.64 -14.60 0.87
N ASN A 193 -2.59 -15.37 1.97
N ASN A 193 -2.62 -15.35 1.98
CA ASN A 193 -3.75 -15.55 2.88
CA ASN A 193 -3.83 -15.53 2.83
C ASN A 193 -4.28 -14.17 3.28
C ASN A 193 -4.31 -14.16 3.32
N PHE A 194 -3.38 -13.26 3.67
CA PHE A 194 -3.71 -11.89 4.07
C PHE A 194 -4.34 -11.14 2.89
N LEU A 195 -3.71 -11.23 1.74
CA LEU A 195 -4.24 -10.50 0.54
C LEU A 195 -5.66 -11.00 0.21
N PHE A 196 -5.94 -12.30 0.30
CA PHE A 196 -7.29 -12.87 0.02
C PHE A 196 -8.26 -12.39 1.08
N LYS A 197 -7.80 -12.17 2.30
CA LYS A 197 -8.71 -11.65 3.35
C LYS A 197 -9.07 -10.21 3.07
N VAL A 198 -8.11 -9.43 2.61
CA VAL A 198 -8.47 -8.05 2.22
C VAL A 198 -9.52 -8.07 1.08
N ARG A 199 -9.25 -8.84 0.05
CA ARG A 199 -10.18 -8.98 -1.10
C ARG A 199 -11.58 -9.36 -0.60
N GLU A 200 -11.64 -10.38 0.23
CA GLU A 200 -12.96 -10.89 0.71
C GLU A 200 -13.75 -9.83 1.43
N SER A 201 -13.11 -8.85 2.02
CA SER A 201 -13.75 -7.81 2.83
C SER A 201 -14.57 -6.84 1.99
N GLY A 202 -14.31 -6.79 0.68
CA GLY A 202 -14.91 -5.77 -0.19
C GLY A 202 -14.11 -4.48 -0.26
N SER A 203 -13.00 -4.37 0.46
CA SER A 203 -12.21 -3.11 0.57
C SER A 203 -11.58 -2.69 -0.79
N LEU A 204 -11.39 -3.64 -1.71
CA LEU A 204 -10.68 -3.42 -3.02
C LEU A 204 -11.68 -3.29 -4.14
N SER A 205 -12.95 -3.18 -3.79
CA SER A 205 -14.04 -3.24 -4.77
C SER A 205 -14.37 -1.83 -5.25
N PRO A 206 -14.80 -1.70 -6.53
CA PRO A 206 -15.03 -0.38 -7.13
C PRO A 206 -16.19 0.44 -6.54
N GLU A 207 -17.06 -0.18 -5.75
N GLU A 207 -17.04 -0.17 -5.72
CA GLU A 207 -18.13 0.52 -5.01
CA GLU A 207 -18.15 0.53 -5.00
C GLU A 207 -17.49 1.57 -4.08
C GLU A 207 -17.63 1.32 -3.79
N HIS A 208 -16.34 1.25 -3.49
CA HIS A 208 -15.72 2.10 -2.45
C HIS A 208 -14.61 2.93 -3.07
N GLY A 209 -14.17 3.96 -2.36
CA GLY A 209 -12.91 4.64 -2.63
C GLY A 209 -11.73 3.67 -2.60
N PRO A 210 -10.57 4.13 -3.09
CA PRO A 210 -9.38 3.28 -3.12
C PRO A 210 -8.94 2.90 -1.69
N VAL A 211 -8.52 1.69 -1.57
CA VAL A 211 -7.82 1.18 -0.38
C VAL A 211 -6.58 2.04 -0.08
N VAL A 212 -6.36 2.34 1.19
CA VAL A 212 -5.10 2.97 1.64
C VAL A 212 -4.14 1.93 2.08
N VAL A 213 -2.94 1.92 1.47
CA VAL A 213 -1.87 0.94 1.79
C VAL A 213 -0.66 1.68 2.33
N HIS A 214 -0.06 1.23 3.43
CA HIS A 214 1.20 1.85 3.90
C HIS A 214 2.10 0.83 4.57
N CYS A 215 3.37 1.16 4.57
CA CYS A 215 4.44 0.55 5.44
C CYS A 215 5.10 1.78 6.08
N SER A 216 6.43 1.85 6.20
N SER A 216 6.43 1.79 6.19
CA SER A 216 7.06 3.08 6.75
CA SER A 216 7.20 2.94 6.71
C SER A 216 7.13 4.15 5.64
C SER A 216 7.17 4.08 5.67
N ALA A 217 7.72 3.82 4.49
CA ALA A 217 7.87 4.83 3.40
C ALA A 217 6.68 4.77 2.40
N GLY A 218 5.93 3.69 2.38
CA GLY A 218 4.85 3.51 1.37
C GLY A 218 5.40 3.12 -0.01
N ILE A 219 6.55 2.43 -0.10
CA ILE A 219 7.08 2.03 -1.45
C ILE A 219 7.51 0.56 -1.50
N GLY A 220 8.04 -0.02 -0.43
CA GLY A 220 8.62 -1.37 -0.43
C GLY A 220 7.58 -2.43 -0.24
N ARG A 221 7.29 -2.79 1.00
CA ARG A 221 6.21 -3.78 1.31
C ARG A 221 4.90 -3.36 0.63
N SER A 222 4.55 -2.09 0.67
CA SER A 222 3.31 -1.54 0.08
C SER A 222 3.29 -1.85 -1.43
N GLY A 223 4.43 -1.65 -2.07
CA GLY A 223 4.62 -2.01 -3.49
C GLY A 223 4.34 -3.47 -3.78
N THR A 224 4.85 -4.36 -2.94
N THR A 224 4.85 -4.36 -2.93
CA THR A 224 4.69 -5.83 -3.08
CA THR A 224 4.71 -5.83 -3.08
C THR A 224 3.21 -6.19 -3.01
C THR A 224 3.21 -6.18 -3.02
N PHE A 225 2.47 -5.56 -2.10
CA PHE A 225 1.04 -5.83 -1.92
C PHE A 225 0.28 -5.51 -3.23
N CYS A 226 0.41 -4.30 -3.77
N CYS A 226 0.43 -4.29 -3.74
CA CYS A 226 -0.41 -3.86 -4.94
CA CYS A 226 -0.30 -3.81 -4.93
C CYS A 226 0.14 -4.48 -6.24
C CYS A 226 0.12 -4.60 -6.17
N LEU A 227 1.42 -4.84 -6.32
CA LEU A 227 1.96 -5.59 -7.47
C LEU A 227 1.35 -7.00 -7.53
N ALA A 228 1.32 -7.73 -6.42
CA ALA A 228 0.75 -9.09 -6.37
C ALA A 228 -0.75 -9.03 -6.67
N ASP A 229 -1.50 -8.12 -6.03
CA ASP A 229 -2.96 -8.01 -6.25
C ASP A 229 -3.26 -7.79 -7.77
N THR A 230 -2.64 -6.78 -8.37
CA THR A 230 -2.87 -6.37 -9.76
C THR A 230 -2.49 -7.54 -10.69
N CYS A 231 -1.34 -8.14 -10.51
CA CYS A 231 -0.90 -9.26 -11.38
C CYS A 231 -1.88 -10.45 -11.32
N LEU A 232 -2.33 -10.85 -10.14
CA LEU A 232 -3.30 -11.94 -10.02
C LEU A 232 -4.64 -11.58 -10.68
N LEU A 233 -5.07 -10.33 -10.56
N LEU A 233 -5.08 -10.33 -10.53
CA LEU A 233 -6.36 -9.88 -11.15
CA LEU A 233 -6.33 -9.81 -11.14
C LEU A 233 -6.26 -9.91 -12.68
C LEU A 233 -6.25 -9.93 -12.67
N LEU A 234 -5.12 -9.50 -13.24
CA LEU A 234 -4.91 -9.48 -14.72
C LEU A 234 -4.88 -10.91 -15.25
N MET A 235 -4.37 -11.85 -14.47
CA MET A 235 -4.40 -13.29 -14.85
C MET A 235 -5.84 -13.82 -14.86
N ASP A 236 -6.73 -13.34 -14.01
CA ASP A 236 -8.16 -13.74 -14.10
C ASP A 236 -8.82 -13.15 -15.34
N LYS A 237 -8.39 -11.98 -15.78
CA LYS A 237 -9.14 -11.18 -16.74
C LYS A 237 -8.73 -11.66 -18.13
N ARG A 238 -7.48 -11.99 -18.35
CA ARG A 238 -6.93 -12.11 -19.74
C ARG A 238 -7.21 -13.49 -20.37
N LYS A 239 -7.34 -13.49 -21.72
CA LYS A 239 -7.54 -14.75 -22.48
C LYS A 239 -6.34 -15.66 -22.21
N ASP A 240 -5.12 -15.11 -22.23
CA ASP A 240 -3.89 -15.88 -21.93
C ASP A 240 -3.28 -15.34 -20.65
N PRO A 241 -3.50 -16.01 -19.49
CA PRO A 241 -2.86 -15.64 -18.22
C PRO A 241 -1.33 -15.47 -18.19
N SER A 242 -0.56 -16.16 -19.03
CA SER A 242 0.93 -16.05 -19.09
C SER A 242 1.34 -14.85 -19.95
N SER A 243 0.41 -14.05 -20.47
CA SER A 243 0.75 -12.74 -21.09
C SER A 243 1.14 -11.74 -19.98
N VAL A 244 0.97 -12.07 -18.71
CA VAL A 244 1.19 -11.06 -17.63
C VAL A 244 2.68 -10.96 -17.36
N ASP A 245 3.27 -9.80 -17.61
CA ASP A 245 4.70 -9.57 -17.35
C ASP A 245 4.80 -8.68 -16.08
N ILE A 246 5.29 -9.26 -14.99
N ILE A 246 5.28 -9.27 -14.98
CA ILE A 246 5.39 -8.57 -13.65
CA ILE A 246 5.44 -8.57 -13.66
C ILE A 246 6.29 -7.33 -13.77
C ILE A 246 6.22 -7.27 -13.88
N LYS A 247 7.32 -7.34 -14.62
CA LYS A 247 8.25 -6.20 -14.83
C LYS A 247 7.51 -5.04 -15.48
N LYS A 248 6.63 -5.34 -16.43
CA LYS A 248 5.87 -4.26 -17.12
C LYS A 248 4.86 -3.68 -16.15
N VAL A 249 4.19 -4.52 -15.38
CA VAL A 249 3.17 -4.03 -14.42
C VAL A 249 3.87 -3.13 -13.41
N LEU A 250 5.04 -3.53 -12.90
CA LEU A 250 5.78 -2.72 -11.90
C LEU A 250 6.15 -1.38 -12.50
N LEU A 251 6.59 -1.38 -13.75
CA LEU A 251 7.00 -0.09 -14.39
C LEU A 251 5.79 0.80 -14.58
N GLU A 252 4.64 0.23 -14.94
N GLU A 252 4.61 0.24 -14.90
CA GLU A 252 3.36 1.01 -15.06
CA GLU A 252 3.37 1.05 -14.94
C GLU A 252 3.01 1.61 -13.70
C GLU A 252 3.14 1.69 -13.58
N MET A 253 3.21 0.87 -12.61
N MET A 253 3.11 0.90 -12.49
CA MET A 253 2.86 1.34 -11.24
CA MET A 253 2.82 1.45 -11.14
C MET A 253 3.83 2.46 -10.83
C MET A 253 3.85 2.52 -10.79
N ARG A 254 5.10 2.34 -11.22
CA ARG A 254 6.16 3.36 -10.98
C ARG A 254 5.91 4.68 -11.72
N LYS A 255 4.96 4.75 -12.65
CA LYS A 255 4.59 6.07 -13.21
C LYS A 255 3.86 6.89 -12.16
N PHE A 256 3.30 6.22 -11.13
CA PHE A 256 2.38 6.89 -10.18
C PHE A 256 3.04 7.15 -8.83
N ARG A 257 4.01 6.34 -8.47
CA ARG A 257 4.79 6.59 -7.23
C ARG A 257 6.16 5.99 -7.38
N MET A 258 7.18 6.74 -6.99
CA MET A 258 8.58 6.34 -7.17
C MET A 258 8.91 5.17 -6.25
N GLY A 259 9.86 4.35 -6.68
CA GLY A 259 10.60 3.45 -5.79
C GLY A 259 9.84 2.23 -5.35
N LEU A 260 8.67 1.94 -5.94
CA LEU A 260 7.88 0.76 -5.54
C LEU A 260 8.76 -0.47 -5.73
N ILE A 261 8.91 -1.29 -4.68
CA ILE A 261 9.80 -2.47 -4.59
C ILE A 261 11.21 -1.92 -4.38
N GLN A 262 11.70 -2.06 -3.15
N GLN A 262 11.73 -2.04 -3.17
CA GLN A 262 12.88 -1.32 -2.62
CA GLN A 262 12.93 -1.27 -2.73
C GLN A 262 14.16 -2.14 -2.85
C GLN A 262 14.18 -2.16 -2.74
N THR A 263 14.06 -3.47 -2.91
CA THR A 263 15.22 -4.36 -3.00
C THR A 263 14.96 -5.49 -3.99
N ALA A 264 16.05 -6.12 -4.45
CA ALA A 264 15.98 -7.29 -5.33
C ALA A 264 15.28 -8.45 -4.63
N ASP A 265 15.37 -8.54 -3.30
CA ASP A 265 14.68 -9.58 -2.54
C ASP A 265 13.15 -9.35 -2.57
N GLN A 266 12.73 -8.11 -2.46
CA GLN A 266 11.28 -7.79 -2.60
C GLN A 266 10.79 -8.16 -4.02
N LEU A 267 11.64 -7.93 -5.02
CA LEU A 267 11.25 -8.30 -6.41
C LEU A 267 11.10 -9.81 -6.49
N ARG A 268 12.09 -10.57 -6.02
CA ARG A 268 12.01 -12.05 -6.04
C ARG A 268 10.76 -12.52 -5.29
N PHE A 269 10.51 -11.97 -4.11
CA PHE A 269 9.34 -12.32 -3.29
C PHE A 269 8.03 -12.03 -4.07
N SER A 270 7.94 -10.92 -4.79
CA SER A 270 6.75 -10.54 -5.59
C SER A 270 6.54 -11.60 -6.65
N TYR A 271 7.59 -12.05 -7.34
CA TYR A 271 7.44 -13.14 -8.34
C TYR A 271 6.88 -14.40 -7.68
N LEU A 272 7.48 -14.80 -6.56
N LEU A 272 7.47 -14.78 -6.55
CA LEU A 272 7.07 -16.01 -5.79
CA LEU A 272 7.08 -16.00 -5.78
C LEU A 272 5.60 -15.90 -5.37
C LEU A 272 5.62 -15.91 -5.35
N ALA A 273 5.17 -14.74 -4.89
CA ALA A 273 3.79 -14.53 -4.44
C ALA A 273 2.82 -14.73 -5.61
N VAL A 274 3.14 -14.15 -6.75
CA VAL A 274 2.25 -14.19 -7.94
C VAL A 274 2.21 -15.63 -8.46
N ILE A 275 3.39 -16.26 -8.58
CA ILE A 275 3.49 -17.65 -9.08
C ILE A 275 2.65 -18.56 -8.17
N GLU A 276 2.83 -18.46 -6.86
CA GLU A 276 2.11 -19.33 -5.90
C GLU A 276 0.64 -18.96 -5.90
N GLY A 277 0.33 -17.68 -5.97
CA GLY A 277 -1.09 -17.26 -5.99
C GLY A 277 -1.82 -17.74 -7.24
N ALA A 278 -1.17 -17.74 -8.38
CA ALA A 278 -1.70 -18.27 -9.67
C ALA A 278 -2.13 -19.73 -9.50
N LYS A 279 -1.38 -20.58 -8.80
CA LYS A 279 -1.84 -21.98 -8.50
C LYS A 279 -3.22 -22.00 -7.84
N PHE A 280 -3.48 -21.24 -6.78
CA PHE A 280 -4.83 -21.08 -6.16
C PHE A 280 -5.85 -20.34 -7.05
N ILE A 281 -5.53 -19.96 -8.27
CA ILE A 281 -6.44 -19.17 -9.15
C ILE A 281 -6.49 -19.85 -10.55
N MET A 282 -5.96 -21.07 -10.69
CA MET A 282 -5.84 -21.77 -12.00
C MET A 282 -5.88 -23.29 -11.76
C TRS B . -2.40 12.55 -14.57
C1 TRS B . -3.89 12.75 -14.84
C2 TRS B . -2.09 11.18 -13.91
C3 TRS B . -1.82 13.72 -13.77
N TRS B . -1.67 12.54 -15.88
O1 TRS B . -4.42 11.64 -15.58
O2 TRS B . -2.25 11.11 -12.52
O3 TRS B . -2.79 14.51 -13.12
H11 TRS B . -4.02 13.57 -15.34
H12 TRS B . -4.36 12.83 -13.99
H21 TRS B . -1.17 10.93 -14.13
H22 TRS B . -2.67 10.50 -14.32
H31 TRS B . -1.31 14.29 -14.37
H32 TRS B . -1.21 13.36 -13.10
HN1 TRS B . -1.16 13.27 -15.99
HN2 TRS B . -2.27 12.50 -16.57
HN3 TRS B . -1.13 11.81 -15.95
HO1 TRS B . -5.23 11.67 -15.67
HO2 TRS B . -2.03 10.32 -12.26
HO3 TRS B . -3.05 14.10 -12.42
C10 JKG C . 11.52 16.19 10.21
C13 JKG C . 8.94 15.60 10.98
C01 JKG C . 12.27 16.84 3.16
C02 JKG C . 11.85 15.88 4.11
C03 JKG C . 12.75 15.69 5.11
S04 JKG C . 14.11 16.70 4.91
C05 JKG C . 13.47 17.36 3.47
C06 JKG C . 12.53 14.74 6.20
N07 JKG C . 11.64 15.38 7.25
C08 JKG C . 11.46 14.48 8.41
C09 JKG C . 10.84 15.19 9.52
C11 JKG C . 10.95 16.87 11.25
C12 JKG C . 9.67 16.59 11.66
C14 JKG C . 9.53 14.93 9.93
O15 JKG C . 9.15 17.29 12.66
H101 JKG C . 12.54 16.43 9.92
H131 JKG C . 7.92 15.41 11.32
H011 JKG C . 11.67 17.11 2.29
H021 JKG C . 10.90 15.37 3.99
H051 JKG C . 14.01 18.12 2.89
H062 JKG C . 12.05 13.78 5.85
H061 JKG C . 13.48 14.44 6.69
H071 JKG C . 10.72 15.59 6.83
H081 JKG C . 12.45 14.04 8.68
H082 JKG C . 10.88 13.61 8.05
H111 JKG C . 11.50 17.64 11.79
H141 JKG C . 8.93 14.15 9.43
H151 JKG C . 8.26 17.58 12.43
#